data_4WH9
#
_entry.id   4WH9
#
_cell.length_a   51.660
_cell.length_b   71.470
_cell.length_c   73.940
_cell.angle_alpha   90.00
_cell.angle_beta   90.00
_cell.angle_gamma   90.00
#
_symmetry.space_group_name_H-M   'P 21 21 21'
#
loop_
_entity.id
_entity.type
_entity.pdbx_description
1 polymer 'M-phase inducer phosphatase 2'
2 non-polymer '2-[(2-cyano-3-fluoro-5-hydroxyphenyl)sulfanyl]ethanesulfonic acid'
3 non-polymer 'SULFATE ION'
4 non-polymer GLYCEROL
5 water water
#
_entity_poly.entity_id   1
_entity_poly.type   'polypeptide(L)'
_entity_poly.pdbx_seq_one_letter_code
;GSSDSDHRELIGDYSKAFLLQTVDGKHQDLKYISPETMVALLTGKFSNIVDKFVIVDCRYPYEYEGGHIKTAVNLPLERD
AESFLLKSPIAPCSLDKRVILIFHSEFSSERGPRMCRFIRERDRAVNDYPSLYYPEMYILKGGYKEFFPQHPNFCEPQDY
RPMNHEAFKDELKTFRLKTRSWA
;
_entity_poly.pdbx_strand_id   A
#
loop_
_chem_comp.id
_chem_comp.type
_chem_comp.name
_chem_comp.formula
3M8 non-polymer '2-[(2-cyano-3-fluoro-5-hydroxyphenyl)sulfanyl]ethanesulfonic acid' 'C9 H8 F N O4 S2'
GOL non-polymer GLYCEROL 'C3 H8 O3'
SO4 non-polymer 'SULFATE ION' 'O4 S -2'
#
# COMPACT_ATOMS: atom_id res chain seq x y z
N HIS A 7 -6.62 7.37 20.31
CA HIS A 7 -6.77 8.83 20.32
C HIS A 7 -6.66 9.49 18.93
N ARG A 8 -7.24 8.83 17.96
N ARG A 8 -6.68 8.70 17.84
CA ARG A 8 -7.31 9.47 16.67
CA ARG A 8 -6.95 9.19 16.43
C ARG A 8 -8.75 9.35 16.18
C ARG A 8 -8.49 9.20 16.09
N GLU A 9 -8.90 9.83 14.97
CA GLU A 9 -10.21 9.64 14.37
C GLU A 9 -10.48 8.21 13.93
N LEU A 10 -11.76 7.93 13.59
CA LEU A 10 -12.17 6.58 13.18
C LEU A 10 -11.62 6.26 11.78
N ILE A 11 -11.67 4.99 11.40
CA ILE A 11 -11.40 4.58 10.00
C ILE A 11 -12.47 5.14 9.08
N GLY A 12 -12.29 4.97 7.76
CA GLY A 12 -12.99 5.82 6.82
C GLY A 12 -14.50 5.61 6.70
N ASP A 13 -15.00 4.44 7.14
CA ASP A 13 -16.45 4.23 7.21
C ASP A 13 -16.99 4.49 8.64
N TYR A 14 -16.12 5.05 9.51
CA TYR A 14 -16.52 5.49 10.85
C TYR A 14 -17.07 4.35 11.71
N SER A 15 -16.60 3.14 11.43
CA SER A 15 -17.07 1.97 12.15
C SER A 15 -16.31 1.67 13.43
N LYS A 16 -15.02 1.98 13.45
CA LYS A 16 -14.14 1.61 14.52
C LYS A 16 -12.83 2.35 14.36
N ALA A 17 -12.01 2.26 15.40
CA ALA A 17 -10.69 2.90 15.42
C ALA A 17 -9.72 2.18 14.50
N PHE A 18 -8.71 2.88 14.06
CA PHE A 18 -7.57 2.24 13.41
C PHE A 18 -6.96 1.18 14.32
N LEU A 19 -6.60 0.03 13.77
CA LEU A 19 -6.07 -1.05 14.57
C LEU A 19 -4.57 -0.80 14.95
N LEU A 20 -3.83 -0.31 13.95
CA LEU A 20 -2.36 -0.36 14.06
C LEU A 20 -1.84 0.94 14.65
N GLN A 21 -0.72 0.81 15.39
CA GLN A 21 -0.02 1.99 15.87
C GLN A 21 0.58 2.69 14.66
N THR A 22 0.57 4.02 14.67
CA THR A 22 1.03 4.80 13.53
C THR A 22 2.18 5.72 13.97
N VAL A 23 2.96 6.09 12.95
CA VAL A 23 4.07 7.02 13.09
C VAL A 23 3.81 8.26 12.20
N ASP A 24 4.51 9.36 12.48
CA ASP A 24 4.31 10.55 11.71
C ASP A 24 4.86 10.40 10.29
N GLY A 25 4.16 10.96 9.32
CA GLY A 25 4.65 11.00 7.96
C GLY A 25 4.23 12.30 7.30
N LYS A 26 4.82 12.63 6.16
CA LYS A 26 4.63 13.99 5.66
C LYS A 26 3.25 14.30 5.12
N HIS A 27 2.52 13.29 4.65
CA HIS A 27 1.15 13.49 4.27
C HIS A 27 0.37 13.38 5.57
N GLN A 28 -0.03 14.52 6.12
CA GLN A 28 -0.45 14.59 7.53
C GLN A 28 -1.85 14.02 7.81
N ASP A 29 -2.60 13.86 6.75
CA ASP A 29 -3.91 13.21 6.80
C ASP A 29 -3.94 11.74 6.44
N LEU A 30 -2.78 11.16 6.12
CA LEU A 30 -2.69 9.72 5.93
C LEU A 30 -2.06 9.07 7.15
N LYS A 31 -2.30 7.78 7.31
CA LYS A 31 -1.77 7.00 8.44
C LYS A 31 -0.57 6.18 7.98
N TYR A 32 0.55 6.37 8.67
CA TYR A 32 1.78 5.65 8.38
C TYR A 32 2.10 4.61 9.45
N ILE A 33 2.70 3.51 9.00
CA ILE A 33 3.19 2.47 9.93
C ILE A 33 4.66 2.23 9.71
N SER A 34 5.29 1.74 10.78
CA SER A 34 6.71 1.40 10.71
C SER A 34 6.95 0.01 10.12
N PRO A 35 8.22 -0.27 9.75
CA PRO A 35 8.59 -1.60 9.34
C PRO A 35 8.24 -2.67 10.37
N GLU A 36 8.44 -2.36 11.66
CA GLU A 36 8.08 -3.33 12.68
C GLU A 36 6.61 -3.70 12.67
N THR A 37 5.77 -2.69 12.47
CA THR A 37 4.32 -2.96 12.33
C THR A 37 3.98 -3.78 11.11
N MET A 38 4.64 -3.47 9.99
CA MET A 38 4.43 -4.27 8.80
C MET A 38 4.77 -5.74 9.07
N VAL A 39 5.90 -5.98 9.73
CA VAL A 39 6.25 -7.35 10.12
C VAL A 39 5.22 -7.98 11.04
N ALA A 40 4.65 -7.20 11.97
CA ALA A 40 3.58 -7.73 12.83
C ALA A 40 2.40 -8.23 12.04
N LEU A 41 2.05 -7.53 10.97
CA LEU A 41 0.99 -8.04 10.08
C LEU A 41 1.44 -9.36 9.44
N LEU A 42 2.63 -9.33 8.86
CA LEU A 42 3.14 -10.50 8.14
C LEU A 42 3.30 -11.75 9.01
N THR A 43 3.58 -11.54 10.30
CA THR A 43 3.74 -12.66 11.20
C THR A 43 2.46 -13.06 11.92
N GLY A 44 1.35 -12.42 11.58
CA GLY A 44 0.10 -12.88 12.18
C GLY A 44 -0.18 -12.39 13.57
N LYS A 45 0.50 -11.31 13.98
CA LYS A 45 0.31 -10.76 15.32
C LYS A 45 -1.17 -10.36 15.53
N PHE A 46 -1.81 -9.93 14.43
CA PHE A 46 -3.18 -9.42 14.47
C PHE A 46 -4.20 -10.38 13.88
N SER A 47 -3.80 -11.62 13.69
CA SER A 47 -4.61 -12.57 12.92
C SER A 47 -6.00 -12.85 13.46
N ASN A 48 -6.26 -12.69 14.75
N ASN A 48 -6.11 -12.66 14.78
CA ASN A 48 -7.62 -12.93 15.20
CA ASN A 48 -7.33 -12.63 15.59
C ASN A 48 -8.56 -11.86 14.65
C ASN A 48 -8.46 -11.72 15.01
N ILE A 49 -8.02 -10.69 14.31
CA ILE A 49 -8.83 -9.54 13.92
C ILE A 49 -8.71 -9.29 12.42
N VAL A 50 -7.49 -9.33 11.89
CA VAL A 50 -7.24 -9.04 10.49
C VAL A 50 -7.34 -10.29 9.67
N ASP A 51 -8.42 -10.38 8.89
CA ASP A 51 -8.61 -11.55 8.02
C ASP A 51 -7.70 -11.53 6.81
N LYS A 52 -7.59 -10.34 6.21
CA LYS A 52 -6.85 -10.15 4.99
C LYS A 52 -6.13 -8.82 5.04
N PHE A 53 -4.95 -8.77 4.44
CA PHE A 53 -4.31 -7.51 4.19
C PHE A 53 -3.58 -7.65 2.87
N VAL A 54 -3.49 -6.53 2.16
CA VAL A 54 -2.82 -6.50 0.87
C VAL A 54 -1.71 -5.44 0.96
N ILE A 55 -0.49 -5.85 0.64
CA ILE A 55 0.58 -4.90 0.52
C ILE A 55 0.70 -4.49 -0.96
N VAL A 56 0.46 -3.22 -1.22
CA VAL A 56 0.47 -2.72 -2.60
C VAL A 56 1.74 -1.97 -2.88
N ASP A 57 2.63 -2.63 -3.63
CA ASP A 57 3.89 -2.07 -4.04
C ASP A 57 3.61 -1.23 -5.28
N CYS A 58 3.76 0.06 -5.13
CA CYS A 58 3.43 1.05 -6.15
C CYS A 58 4.59 1.41 -7.05
N ARG A 59 5.71 0.71 -6.87
CA ARG A 59 6.89 0.94 -7.67
C ARG A 59 6.77 0.33 -9.06
N TYR A 60 7.72 0.67 -9.94
CA TYR A 60 7.67 0.13 -11.28
C TYR A 60 8.09 -1.33 -11.29
N PRO A 61 7.73 -2.06 -12.36
CA PRO A 61 7.98 -3.48 -12.31
C PRO A 61 9.42 -3.90 -12.15
N TYR A 62 10.35 -3.16 -12.73
CA TYR A 62 11.77 -3.52 -12.57
C TYR A 62 12.19 -3.34 -11.13
N GLU A 63 11.64 -2.36 -10.42
CA GLU A 63 11.95 -2.16 -8.99
C GLU A 63 11.46 -3.35 -8.18
N TYR A 64 10.20 -3.70 -8.41
CA TYR A 64 9.61 -4.84 -7.71
C TYR A 64 10.37 -6.13 -7.97
N GLU A 65 10.74 -6.35 -9.23
CA GLU A 65 11.51 -7.54 -9.60
C GLU A 65 12.87 -7.61 -8.92
N GLY A 66 13.45 -6.45 -8.61
CA GLY A 66 14.72 -6.40 -7.91
C GLY A 66 14.73 -6.64 -6.43
N GLY A 67 13.55 -6.83 -5.84
CA GLY A 67 13.42 -7.07 -4.39
C GLY A 67 12.14 -6.42 -3.91
N HIS A 68 11.21 -7.23 -3.43
CA HIS A 68 9.94 -6.72 -2.89
C HIS A 68 9.60 -7.45 -1.60
N ILE A 69 8.61 -6.92 -0.88
CA ILE A 69 8.19 -7.56 0.35
C ILE A 69 7.41 -8.82 0.01
N LYS A 70 7.69 -9.92 0.70
CA LYS A 70 6.96 -11.16 0.43
C LYS A 70 5.47 -10.94 0.55
N THR A 71 4.78 -11.47 -0.46
CA THR A 71 3.31 -11.41 -0.55
C THR A 71 2.79 -10.14 -1.18
N ALA A 72 3.65 -9.13 -1.38
CA ALA A 72 3.19 -7.87 -1.97
C ALA A 72 2.77 -8.07 -3.42
N VAL A 73 1.78 -7.25 -3.81
CA VAL A 73 1.34 -7.20 -5.19
C VAL A 73 1.82 -5.90 -5.84
N ASN A 74 2.28 -5.97 -7.08
CA ASN A 74 2.82 -4.80 -7.75
C ASN A 74 1.74 -4.17 -8.62
N LEU A 75 1.26 -2.98 -8.23
CA LEU A 75 0.17 -2.30 -8.91
C LEU A 75 0.53 -0.82 -9.15
N PRO A 76 1.52 -0.57 -10.01
CA PRO A 76 1.96 0.80 -10.18
C PRO A 76 1.09 1.71 -11.03
N LEU A 77 0.26 1.13 -11.90
CA LEU A 77 -0.70 1.91 -12.73
C LEU A 77 -2.03 1.97 -12.00
N GLU A 78 -2.60 3.17 -11.90
CA GLU A 78 -3.91 3.38 -11.28
C GLU A 78 -4.99 2.49 -11.87
N ARG A 79 -4.98 2.32 -13.18
CA ARG A 79 -6.04 1.48 -13.79
C ARG A 79 -5.95 0.02 -13.35
N ASP A 80 -4.72 -0.44 -13.14
CA ASP A 80 -4.50 -1.79 -12.68
C ASP A 80 -4.78 -1.96 -11.17
N ALA A 81 -4.44 -0.96 -10.37
CA ALA A 81 -4.79 -1.01 -8.96
C ALA A 81 -6.30 -1.00 -8.76
N GLU A 82 -6.98 -0.18 -9.54
CA GLU A 82 -8.44 -0.07 -9.45
C GLU A 82 -9.06 -1.42 -9.84
N SER A 83 -8.61 -2.03 -10.93
CA SER A 83 -9.15 -3.33 -11.33
C SER A 83 -8.90 -4.43 -10.27
N PHE A 84 -7.67 -4.49 -9.77
CA PHE A 84 -7.32 -5.52 -8.81
C PHE A 84 -8.07 -5.37 -7.49
N LEU A 85 -8.21 -4.15 -7.03
CA LEU A 85 -8.81 -3.91 -5.72
C LEU A 85 -10.31 -3.73 -5.75
N LEU A 86 -10.86 -3.16 -6.83
CA LEU A 86 -12.26 -2.75 -6.77
C LEU A 86 -13.20 -3.44 -7.75
N LYS A 87 -12.68 -4.17 -8.76
CA LYS A 87 -13.58 -4.89 -9.65
C LYS A 87 -14.41 -5.91 -8.86
N SER A 88 -13.68 -6.64 -8.02
CA SER A 88 -14.27 -7.61 -7.13
C SER A 88 -13.59 -7.48 -5.76
N PRO A 89 -14.15 -6.62 -4.88
CA PRO A 89 -13.42 -6.23 -3.67
C PRO A 89 -13.06 -7.41 -2.78
N ILE A 90 -11.91 -7.24 -2.13
CA ILE A 90 -11.31 -8.26 -1.27
C ILE A 90 -11.93 -8.05 0.10
N ALA A 91 -12.72 -9.04 0.53
CA ALA A 91 -13.60 -8.91 1.68
C ALA A 91 -13.22 -9.93 2.73
N PRO A 92 -13.32 -9.55 4.01
CA PRO A 92 -13.06 -10.53 5.06
C PRO A 92 -14.13 -11.62 5.09
N CYS A 93 -13.70 -12.83 5.45
CA CYS A 93 -14.49 -14.06 5.48
C CYS A 93 -15.27 -14.18 6.77
N SER A 94 -15.12 -13.20 7.65
CA SER A 94 -15.98 -13.06 8.83
C SER A 94 -16.34 -11.56 8.96
N LEU A 95 -17.55 -11.22 9.40
CA LEU A 95 -17.92 -9.80 9.58
C LEU A 95 -17.25 -9.16 10.83
N ASP A 96 -16.84 -10.02 11.78
CA ASP A 96 -16.07 -9.62 12.97
C ASP A 96 -14.65 -9.11 12.57
N LYS A 97 -14.18 -9.47 11.37
CA LYS A 97 -12.79 -9.28 11.01
C LYS A 97 -12.56 -8.17 9.96
N ARG A 98 -11.31 -7.73 9.85
CA ARG A 98 -10.95 -6.56 9.03
C ARG A 98 -10.17 -6.95 7.79
N VAL A 99 -10.30 -6.11 6.77
CA VAL A 99 -9.35 -6.04 5.68
CA VAL A 99 -9.32 -6.06 5.69
C VAL A 99 -8.60 -4.72 5.77
N ILE A 100 -7.30 -4.78 5.56
CA ILE A 100 -6.42 -3.61 5.65
C ILE A 100 -5.62 -3.55 4.35
N LEU A 101 -5.40 -2.35 3.82
CA LEU A 101 -4.46 -2.16 2.70
C LEU A 101 -3.27 -1.36 3.19
N ILE A 102 -2.08 -1.76 2.73
CA ILE A 102 -0.85 -1.01 3.02
C ILE A 102 -0.22 -0.67 1.68
N PHE A 103 -0.04 0.62 1.43
CA PHE A 103 0.62 1.07 0.21
C PHE A 103 2.05 1.46 0.52
N HIS A 104 2.94 1.19 -0.42
CA HIS A 104 4.29 1.73 -0.28
C HIS A 104 4.88 1.99 -1.65
N SER A 105 5.98 2.73 -1.63
CA SER A 105 6.81 2.86 -2.82
C SER A 105 8.28 2.76 -2.40
N GLU A 106 9.20 3.41 -3.10
CA GLU A 106 10.61 3.31 -2.80
C GLU A 106 10.91 3.98 -1.48
N PHE A 107 10.49 5.25 -1.35
CA PHE A 107 10.64 5.98 -0.10
C PHE A 107 9.29 6.24 0.54
N SER A 108 8.21 5.78 -0.12
CA SER A 108 6.85 6.14 0.24
C SER A 108 6.66 7.66 0.35
N SER A 109 7.33 8.37 -0.55
CA SER A 109 7.27 9.82 -0.64
CA SER A 109 7.22 9.83 -0.57
C SER A 109 6.10 10.31 -1.46
N GLU A 110 5.97 9.71 -2.66
CA GLU A 110 5.03 10.20 -3.66
C GLU A 110 4.13 9.09 -4.22
N ARG A 111 4.72 8.03 -4.77
CA ARG A 111 3.90 7.05 -5.51
C ARG A 111 2.95 6.32 -4.61
N GLY A 112 3.41 5.90 -3.42
CA GLY A 112 2.53 5.18 -2.52
C GLY A 112 1.37 6.02 -1.99
N PRO A 113 1.66 7.24 -1.49
CA PRO A 113 0.61 8.13 -1.10
C PRO A 113 -0.39 8.45 -2.22
N ARG A 114 0.12 8.67 -3.44
CA ARG A 114 -0.74 8.96 -4.57
C ARG A 114 -1.74 7.83 -4.80
N MET A 115 -1.25 6.60 -4.74
CA MET A 115 -2.12 5.47 -5.01
C MET A 115 -3.16 5.30 -3.92
N CYS A 116 -2.75 5.49 -2.68
CA CYS A 116 -3.63 5.41 -1.51
C CYS A 116 -4.80 6.40 -1.68
N ARG A 117 -4.48 7.63 -2.03
CA ARG A 117 -5.54 8.63 -2.23
C ARG A 117 -6.46 8.25 -3.37
N PHE A 118 -5.86 7.77 -4.46
CA PHE A 118 -6.65 7.38 -5.63
C PHE A 118 -7.66 6.30 -5.29
N ILE A 119 -7.19 5.26 -4.58
CA ILE A 119 -8.10 4.19 -4.22
C ILE A 119 -9.24 4.71 -3.30
N ARG A 120 -8.93 5.58 -2.36
CA ARG A 120 -9.98 6.16 -1.53
C ARG A 120 -10.99 6.93 -2.37
N GLU A 121 -10.52 7.71 -3.34
CA GLU A 121 -11.46 8.45 -4.17
CA GLU A 121 -11.44 8.46 -4.23
C GLU A 121 -12.38 7.49 -4.95
N ARG A 122 -11.81 6.40 -5.48
CA ARG A 122 -12.59 5.41 -6.22
CA ARG A 122 -12.62 5.46 -6.22
C ARG A 122 -13.58 4.69 -5.32
N ASP A 123 -13.10 4.32 -4.13
CA ASP A 123 -13.93 3.62 -3.14
C ASP A 123 -15.13 4.48 -2.71
N ARG A 124 -14.90 5.76 -2.47
CA ARG A 124 -16.02 6.67 -2.21
C ARG A 124 -17.00 6.74 -3.37
N ALA A 125 -16.46 6.75 -4.60
CA ALA A 125 -17.29 6.94 -5.77
C ALA A 125 -18.26 5.77 -5.99
N VAL A 126 -17.84 4.57 -5.64
CA VAL A 126 -18.65 3.38 -5.92
C VAL A 126 -19.50 2.93 -4.74
N ASN A 127 -19.48 3.68 -3.62
CA ASN A 127 -20.29 3.37 -2.43
C ASN A 127 -21.29 4.45 -2.07
N ASP A 128 -22.29 4.06 -1.28
CA ASP A 128 -23.15 5.01 -0.61
C ASP A 128 -22.49 5.50 0.67
N TYR A 129 -22.24 6.80 0.72
CA TYR A 129 -21.54 7.40 1.86
C TYR A 129 -22.22 7.01 3.18
N PRO A 130 -21.45 6.61 4.21
CA PRO A 130 -19.97 6.63 4.30
C PRO A 130 -19.32 5.25 4.11
N SER A 131 -20.03 4.30 3.52
CA SER A 131 -19.50 2.94 3.39
C SER A 131 -18.29 2.90 2.48
N LEU A 132 -17.39 1.95 2.73
CA LEU A 132 -16.20 1.74 1.92
C LEU A 132 -15.83 0.27 1.90
N TYR A 133 -15.29 -0.18 0.77
CA TYR A 133 -14.67 -1.50 0.76
C TYR A 133 -13.35 -1.54 1.55
N TYR A 134 -12.62 -0.42 1.56
CA TYR A 134 -11.29 -0.37 2.17
C TYR A 134 -11.17 0.84 3.12
N PRO A 135 -11.89 0.75 4.24
CA PRO A 135 -11.92 1.88 5.16
C PRO A 135 -10.59 2.15 5.89
N GLU A 136 -9.69 1.16 5.86
CA GLU A 136 -8.49 1.21 6.67
C GLU A 136 -7.27 0.95 5.80
N MET A 137 -6.54 2.02 5.52
CA MET A 137 -5.40 2.01 4.63
C MET A 137 -4.27 2.77 5.26
N TYR A 138 -3.07 2.23 5.10
CA TYR A 138 -1.86 2.81 5.64
C TYR A 138 -0.79 2.98 4.57
N ILE A 139 0.19 3.84 4.89
CA ILE A 139 1.41 3.96 4.12
C ILE A 139 2.58 3.38 4.92
N LEU A 140 3.42 2.57 4.29
CA LEU A 140 4.61 2.07 5.00
C LEU A 140 5.68 3.14 5.00
N LYS A 141 5.96 3.68 6.19
CA LYS A 141 6.87 4.80 6.33
C LYS A 141 8.27 4.44 5.89
N GLY A 142 8.83 5.23 4.97
CA GLY A 142 10.16 5.02 4.43
C GLY A 142 10.23 4.05 3.28
N GLY A 143 9.11 3.42 2.95
CA GLY A 143 9.05 2.56 1.79
C GLY A 143 9.96 1.35 1.83
N TYR A 144 10.21 0.80 0.65
CA TYR A 144 11.05 -0.37 0.51
C TYR A 144 12.47 -0.07 0.97
N LYS A 145 12.94 1.13 0.64
CA LYS A 145 14.31 1.55 1.04
C LYS A 145 14.59 1.38 2.51
N GLU A 146 13.62 1.71 3.36
CA GLU A 146 13.81 1.54 4.80
C GLU A 146 13.42 0.15 5.32
N PHE A 147 12.59 -0.59 4.58
CA PHE A 147 12.10 -1.85 5.08
C PHE A 147 13.17 -2.93 4.86
N PHE A 148 13.76 -2.96 3.68
CA PHE A 148 14.74 -3.97 3.34
C PHE A 148 15.95 -4.11 4.27
N PRO A 149 16.59 -2.99 4.68
CA PRO A 149 17.72 -3.14 5.61
C PRO A 149 17.30 -3.66 6.99
N GLN A 150 16.05 -3.45 7.39
CA GLN A 150 15.60 -3.90 8.72
C GLN A 150 15.17 -5.39 8.68
N HIS A 151 14.57 -5.81 7.56
CA HIS A 151 13.91 -7.11 7.50
C HIS A 151 14.15 -7.79 6.17
N PRO A 152 15.42 -8.10 5.90
CA PRO A 152 15.73 -8.67 4.59
C PRO A 152 15.05 -10.01 4.34
N ASN A 153 14.87 -10.83 5.39
CA ASN A 153 14.31 -12.15 5.17
C ASN A 153 12.81 -12.09 4.87
N PHE A 154 12.23 -10.90 5.00
CA PHE A 154 10.83 -10.71 4.60
C PHE A 154 10.72 -10.18 3.16
N CYS A 155 11.84 -10.19 2.42
CA CYS A 155 11.90 -9.67 1.06
C CYS A 155 12.34 -10.78 0.11
N GLU A 156 11.90 -10.69 -1.15
CA GLU A 156 12.38 -11.58 -2.21
C GLU A 156 12.42 -10.85 -3.53
N PRO A 157 13.50 -11.05 -4.29
CA PRO A 157 14.82 -11.50 -3.79
C PRO A 157 15.30 -10.58 -2.66
N GLN A 158 16.37 -10.99 -1.94
CA GLN A 158 16.92 -10.14 -0.89
C GLN A 158 17.82 -9.10 -1.48
N ASP A 159 17.24 -8.10 -2.11
CA ASP A 159 18.01 -7.04 -2.72
C ASP A 159 17.09 -5.86 -2.87
N TYR A 160 17.68 -4.77 -3.34
CA TYR A 160 16.98 -3.50 -3.48
C TYR A 160 17.48 -2.84 -4.74
N ARG A 161 16.52 -2.63 -5.66
CA ARG A 161 16.78 -1.93 -6.94
C ARG A 161 16.07 -0.59 -6.94
N PRO A 162 16.83 0.51 -6.87
CA PRO A 162 16.19 1.84 -6.89
C PRO A 162 15.54 2.18 -8.22
N MET A 163 14.55 3.08 -8.18
CA MET A 163 13.93 3.55 -9.40
C MET A 163 14.99 4.13 -10.34
N ASN A 164 15.97 4.85 -9.78
CA ASN A 164 16.94 5.52 -10.65
CA ASN A 164 17.02 5.53 -10.52
C ASN A 164 18.25 4.71 -10.81
N HIS A 165 18.12 3.39 -10.69
CA HIS A 165 19.25 2.52 -10.97
C HIS A 165 19.82 2.80 -12.36
N GLU A 166 21.14 2.91 -12.47
CA GLU A 166 21.76 3.32 -13.71
C GLU A 166 21.50 2.37 -14.89
N ALA A 167 21.27 1.12 -14.58
CA ALA A 167 21.08 0.11 -15.62
C ALA A 167 19.64 -0.04 -16.13
N PHE A 168 18.72 0.73 -15.54
CA PHE A 168 17.29 0.60 -15.81
C PHE A 168 16.67 1.88 -16.34
N LYS A 169 17.50 2.74 -16.94
CA LYS A 169 16.96 4.01 -17.49
C LYS A 169 15.91 3.77 -18.59
N ASP A 170 16.16 2.77 -19.43
CA ASP A 170 15.23 2.44 -20.51
C ASP A 170 13.92 1.89 -19.98
N GLU A 171 14.03 1.04 -18.94
CA GLU A 171 12.85 0.44 -18.36
C GLU A 171 11.99 1.54 -17.71
N LEU A 172 12.62 2.54 -17.11
CA LEU A 172 11.89 3.68 -16.52
C LEU A 172 11.09 4.36 -17.63
N LYS A 173 11.75 4.73 -18.73
CA LYS A 173 11.03 5.39 -19.83
C LYS A 173 9.89 4.55 -20.40
N THR A 174 10.14 3.24 -20.54
CA THR A 174 9.13 2.34 -21.10
C THR A 174 7.90 2.37 -20.22
N PHE A 175 8.09 2.28 -18.91
CA PHE A 175 6.99 2.31 -18.00
C PHE A 175 6.23 3.64 -18.09
N ARG A 176 6.93 4.76 -18.06
CA ARG A 176 6.29 6.06 -18.04
C ARG A 176 5.36 6.25 -19.23
N LEU A 177 5.71 5.70 -20.40
CA LEU A 177 4.88 5.85 -21.57
C LEU A 177 3.60 5.02 -21.53
N LYS A 178 3.41 4.21 -20.47
CA LYS A 178 2.16 3.49 -20.23
C LYS A 178 1.21 4.22 -19.25
N THR A 179 1.68 5.34 -18.68
CA THR A 179 0.88 6.04 -17.72
C THR A 179 -0.23 6.89 -18.39
N ARG A 180 -1.34 7.15 -17.67
N ARG A 180 -1.25 7.20 -17.57
CA ARG A 180 -2.47 7.86 -18.31
CA ARG A 180 -2.46 7.86 -18.04
C ARG A 180 -2.26 9.39 -18.40
C ARG A 180 -2.26 9.34 -18.35
N SER A 181 -1.32 9.95 -17.64
CA SER A 181 -1.15 11.40 -17.56
C SER A 181 0.28 11.69 -17.08
N TRP A 182 0.83 12.80 -17.56
CA TRP A 182 2.05 13.42 -17.07
C TRP A 182 2.00 14.94 -17.18
N ALA A 183 2.85 15.66 -16.43
CA ALA A 183 2.82 17.14 -16.39
C ALA A 183 3.15 17.77 -17.76
OAQ 3M8 B . -11.86 9.45 3.66
SAN 3M8 B . -11.99 10.67 2.90
OAO 3M8 B . -12.65 11.67 3.72
OAP 3M8 B . -12.74 10.39 1.63
CAM 3M8 B . -10.45 11.17 2.47
CAL 3M8 B . -9.71 11.60 3.74
SAK 3M8 B . -7.95 11.75 3.57
CAB 3M8 B . -7.64 10.05 3.60
CAC 3M8 B . -7.63 9.25 4.77
CAD 3M8 B . -7.24 7.92 4.74
OAI 3M8 B . -7.11 7.25 5.90
CAE 3M8 B . -6.86 7.23 3.58
CAF 3M8 B . -6.98 8.02 2.40
FAH 3M8 B . -6.60 7.47 1.25
CAA 3M8 B . -7.32 9.38 2.40
CAG 3M8 B . -7.36 10.04 1.24
NAJ 3M8 B . -7.38 10.60 0.25
S SO4 C . 8.23 10.95 5.01
O1 SO4 C . 9.27 11.99 4.99
O2 SO4 C . 7.84 11.00 3.58
O3 SO4 C . 8.77 9.61 5.31
O4 SO4 C . 7.25 11.26 5.99
S SO4 D . -12.02 -5.18 15.86
O1 SO4 D . -10.87 -4.32 16.18
O2 SO4 D . -12.05 -5.40 14.40
O3 SO4 D . -11.77 -6.46 16.57
O4 SO4 D . -13.40 -4.66 16.17
S SO4 E . 8.72 7.24 -4.15
O1 SO4 E . 9.70 8.21 -4.59
O2 SO4 E . 8.90 5.96 -4.64
O3 SO4 E . 7.43 7.82 -4.43
O4 SO4 E . 8.55 7.13 -2.67
S SO4 F . -2.19 12.52 -10.72
O1 SO4 F . -1.78 13.64 -11.59
O2 SO4 F . -1.90 11.26 -11.44
O3 SO4 F . -1.48 12.60 -9.41
O4 SO4 F . -3.66 12.58 -10.51
C1 GOL G . -3.15 4.21 -14.63
C1 GOL G . -3.12 5.02 -14.46
O1 GOL G . -4.18 4.23 -15.58
O1 GOL G . -3.53 3.85 -15.18
C2 GOL G . -2.41 5.51 -14.44
C2 GOL G . -1.67 4.91 -14.24
O2 GOL G . -3.39 6.51 -14.19
O2 GOL G . -1.37 5.67 -15.34
C3 GOL G . -1.36 5.40 -13.33
C3 GOL G . -1.22 5.58 -12.98
O3 GOL G . -0.54 6.34 -13.99
O3 GOL G . -1.28 6.75 -13.80
#